data_7Q2D
#
_entry.id   7Q2D
#
_cell.length_a   57.022
_cell.length_b   57.022
_cell.length_c   207.345
_cell.angle_alpha   90.00
_cell.angle_beta   90.00
_cell.angle_gamma   120.00
#
_symmetry.space_group_name_H-M   'P 31 2 1'
#
loop_
_entity.id
_entity.type
_entity.pdbx_description
1 polymer 'Hydroxymycolate synthase MmaA4'
2 non-polymer 2-METHOXY-5-METHYLANILINE
3 non-polymer 1,2-ETHANEDIOL
4 non-polymer 'DIMETHYL SULFOXIDE'
5 water water
#
_entity_poly.entity_id   1
_entity_poly.type   'polypeptide(L)'
_entity_poly.pdbx_seq_one_letter_code
;MGSSHYHHHHSSGLVPRGSHMAEKPISPTKTRTRFEDIQAHYDVSDDFFALFQDPTRTYSCAYFEPPELTLEEAQYAKVD
LNLDKLDLKPGMTLLDIGCGWGTTMRRAVERFDVNVIGLTLSKNQHARCEQVLASIDTNRSRQVLLQGWEDFAEPVDRIV
SIEAFEHFGHENYDDFFKRCFNIMPADGRMTVQSSVSYHPYEMAARGKKLSFETARFIKFIVTEIFPGGRLPSTEMMVEH
GEKAGFTVPEPLSLRPHYIKTLRIWGDTLQSNKDKAIEVTSEEVYNRYMKYLRGCEHYFTDEMLDCSLVTYLKPGAAA
;
_entity_poly.pdbx_strand_id   A
#
# COMPACT_ATOMS: atom_id res chain seq x y z
N THR A 33 7.53 20.70 -14.19
CA THR A 33 7.80 22.15 -14.05
C THR A 33 6.89 22.73 -12.96
N ARG A 34 6.12 23.77 -13.27
CA ARG A 34 5.17 24.36 -12.30
C ARG A 34 4.51 23.24 -11.50
N PHE A 35 3.79 22.35 -12.19
CA PHE A 35 3.09 21.23 -11.50
C PHE A 35 4.05 20.59 -10.50
N GLU A 36 5.20 20.12 -10.98
CA GLU A 36 6.21 19.50 -10.09
C GLU A 36 6.40 20.39 -8.86
N ASP A 37 6.72 21.67 -9.08
CA ASP A 37 6.95 22.61 -7.94
C ASP A 37 5.71 22.65 -7.06
N ILE A 38 4.53 22.84 -7.66
CA ILE A 38 3.26 22.94 -6.87
C ILE A 38 3.08 21.67 -6.05
N GLN A 39 3.44 20.52 -6.63
CA GLN A 39 3.33 19.23 -5.90
C GLN A 39 4.42 19.17 -4.82
N ALA A 40 5.67 19.42 -5.21
CA ALA A 40 6.81 19.40 -4.25
C ALA A 40 6.40 20.18 -3.00
N HIS A 41 5.56 21.20 -3.17
CA HIS A 41 5.07 21.99 -2.00
C HIS A 41 4.55 21.06 -0.90
N TYR A 42 3.96 19.92 -1.27
CA TYR A 42 3.26 18.99 -0.36
C TYR A 42 4.21 17.86 0.10
N ASP A 43 5.51 18.00 -0.14
CA ASP A 43 6.53 17.05 0.38
C ASP A 43 6.60 17.21 1.90
N VAL A 44 6.55 16.10 2.64
CA VAL A 44 6.60 16.09 4.13
C VAL A 44 7.74 15.17 4.57
N SER A 45 8.58 15.61 5.52
CA SER A 45 9.73 14.84 6.07
C SER A 45 9.23 13.55 6.71
N ASP A 46 10.05 12.49 6.66
CA ASP A 46 9.75 11.16 7.25
C ASP A 46 9.50 11.32 8.76
N ASP A 47 10.09 12.34 9.38
CA ASP A 47 10.02 12.61 10.86
C ASP A 47 8.58 12.91 11.28
N PHE A 48 7.78 13.53 10.41
CA PHE A 48 6.37 13.88 10.69
C PHE A 48 5.54 12.58 10.76
N PHE A 49 5.71 11.71 9.78
CA PHE A 49 4.99 10.41 9.65
C PHE A 49 5.27 9.55 10.90
N ALA A 50 6.51 9.58 11.40
CA ALA A 50 6.95 8.86 12.63
C ALA A 50 6.09 9.28 13.83
N LEU A 51 5.53 10.50 13.83
CA LEU A 51 4.75 11.05 14.96
C LEU A 51 3.28 10.58 14.95
N PHE A 52 2.82 9.81 13.96
CA PHE A 52 1.45 9.21 14.01
C PHE A 52 1.46 7.71 13.72
N GLN A 53 2.52 7.18 13.13
CA GLN A 53 2.62 5.73 12.77
C GLN A 53 3.16 4.94 13.97
N ASP A 54 3.03 3.62 13.91
CA ASP A 54 3.59 2.67 14.90
C ASP A 54 5.11 2.60 14.73
N PRO A 55 5.85 1.97 15.66
CA PRO A 55 7.31 1.87 15.55
C PRO A 55 7.88 1.30 14.23
N THR A 56 7.11 0.50 13.49
CA THR A 56 7.55 -0.06 12.17
C THR A 56 7.42 1.01 11.07
N ARG A 57 6.72 2.11 11.34
CA ARG A 57 6.49 3.21 10.37
C ARG A 57 5.74 2.66 9.16
N THR A 58 4.82 1.73 9.37
CA THR A 58 3.96 1.17 8.31
C THR A 58 2.88 2.20 7.95
N TYR A 59 2.83 2.63 6.69
CA TYR A 59 1.88 3.63 6.16
C TYR A 59 0.85 2.90 5.29
N SER A 60 0.14 1.96 5.89
CA SER A 60 -0.92 1.17 5.20
C SER A 60 -1.85 0.56 6.24
N CYS A 61 -2.99 0.06 5.77
CA CYS A 61 -4.06 -0.54 6.61
C CYS A 61 -3.48 -1.67 7.47
N ALA A 62 -3.69 -1.63 8.79
CA ALA A 62 -3.34 -2.71 9.73
C ALA A 62 -4.47 -3.76 9.72
N TYR A 63 -4.20 -4.95 10.26
CA TYR A 63 -5.18 -6.09 10.31
C TYR A 63 -5.38 -6.50 11.78
N PHE A 64 -6.50 -6.07 12.37
CA PHE A 64 -6.83 -6.33 13.79
C PHE A 64 -7.53 -7.68 13.92
N GLU A 65 -6.77 -8.76 13.72
CA GLU A 65 -7.19 -10.17 13.98
C GLU A 65 -6.12 -10.84 14.83
N PRO A 66 -6.39 -11.11 16.13
CA PRO A 66 -7.67 -10.78 16.76
C PRO A 66 -7.86 -9.28 16.99
N PRO A 67 -9.08 -8.81 17.34
CA PRO A 67 -9.37 -7.39 17.49
C PRO A 67 -8.55 -6.63 18.55
N GLU A 68 -7.95 -7.35 19.51
CA GLU A 68 -7.24 -6.78 20.69
C GLU A 68 -5.77 -6.45 20.36
N LEU A 69 -5.29 -6.74 19.14
CA LEU A 69 -3.88 -6.46 18.73
C LEU A 69 -3.60 -4.96 18.88
N THR A 70 -2.38 -4.59 19.30
CA THR A 70 -1.84 -3.21 19.17
C THR A 70 -1.71 -2.91 17.68
N LEU A 71 -1.67 -1.62 17.31
CA LEU A 71 -1.41 -1.18 15.91
C LEU A 71 -0.16 -1.90 15.38
N GLU A 72 0.93 -1.90 16.16
CA GLU A 72 2.22 -2.50 15.73
C GLU A 72 2.01 -3.98 15.42
N GLU A 73 1.31 -4.72 16.29
CA GLU A 73 1.01 -6.16 16.10
C GLU A 73 0.13 -6.34 14.87
N ALA A 74 -0.90 -5.49 14.71
CA ALA A 74 -1.85 -5.53 13.56
C ALA A 74 -1.10 -5.27 12.23
N GLN A 75 -0.02 -4.50 12.27
CA GLN A 75 0.77 -4.21 11.04
C GLN A 75 1.53 -5.48 10.65
N TYR A 76 2.07 -6.23 11.61
CA TYR A 76 2.70 -7.55 11.36
C TYR A 76 1.62 -8.52 10.88
N ALA A 77 0.42 -8.48 11.48
CA ALA A 77 -0.73 -9.34 11.09
C ALA A 77 -1.14 -9.06 9.62
N LYS A 78 -1.12 -7.80 9.18
CA LYS A 78 -1.43 -7.43 7.77
C LYS A 78 -0.36 -8.00 6.83
N VAL A 79 0.93 -7.90 7.19
CA VAL A 79 2.03 -8.46 6.36
C VAL A 79 1.79 -9.97 6.20
N ASP A 80 1.45 -10.67 7.30
CA ASP A 80 1.21 -12.12 7.31
C ASP A 80 -0.02 -12.46 6.45
N LEU A 81 -1.08 -11.66 6.54
CA LEU A 81 -2.32 -11.85 5.73
C LEU A 81 -1.94 -11.88 4.26
N ASN A 82 -1.09 -10.94 3.82
CA ASN A 82 -0.61 -10.83 2.41
C ASN A 82 0.26 -12.04 2.06
N LEU A 83 1.32 -12.33 2.84
CA LEU A 83 2.31 -13.38 2.49
C LEU A 83 1.64 -14.76 2.49
N ASP A 84 0.66 -15.00 3.38
CA ASP A 84 0.01 -16.33 3.54
C ASP A 84 -0.85 -16.64 2.30
N LYS A 85 -1.14 -15.65 1.46
CA LYS A 85 -1.92 -15.88 0.22
C LYS A 85 -1.02 -16.31 -0.95
N LEU A 86 0.30 -16.26 -0.82
CA LEU A 86 1.23 -16.27 -1.99
C LEU A 86 1.85 -17.66 -2.24
N ASP A 87 1.52 -18.70 -1.46
CA ASP A 87 2.09 -20.07 -1.70
C ASP A 87 3.61 -19.97 -1.82
N LEU A 88 4.28 -19.38 -0.82
CA LEU A 88 5.75 -19.18 -0.82
C LEU A 88 6.43 -20.44 -0.30
N LYS A 89 7.39 -20.98 -1.04
CA LYS A 89 8.20 -22.16 -0.64
C LYS A 89 9.66 -21.75 -0.56
N PRO A 90 10.48 -22.40 0.30
CA PRO A 90 11.87 -22.01 0.45
C PRO A 90 12.62 -21.96 -0.89
N GLY A 91 13.48 -20.95 -1.08
CA GLY A 91 14.33 -20.81 -2.26
C GLY A 91 13.66 -20.03 -3.38
N MET A 92 12.35 -19.76 -3.26
CA MET A 92 11.64 -18.87 -4.22
C MET A 92 12.17 -17.44 -4.06
N THR A 93 11.88 -16.58 -5.02
CA THR A 93 12.16 -15.12 -4.96
C THR A 93 10.82 -14.38 -4.90
N LEU A 94 10.63 -13.55 -3.88
CA LEU A 94 9.47 -12.64 -3.72
C LEU A 94 9.89 -11.23 -4.14
N LEU A 95 9.13 -10.61 -5.02
CA LEU A 95 9.26 -9.20 -5.41
C LEU A 95 8.29 -8.40 -4.55
N ASP A 96 8.79 -7.38 -3.87
CA ASP A 96 7.95 -6.41 -3.11
C ASP A 96 7.94 -5.09 -3.90
N ILE A 97 6.81 -4.77 -4.54
CA ILE A 97 6.69 -3.50 -5.33
C ILE A 97 6.21 -2.41 -4.37
N GLY A 98 7.11 -1.50 -4.00
CA GLY A 98 6.88 -0.46 -2.98
C GLY A 98 7.23 -1.01 -1.61
N CYS A 99 8.51 -1.31 -1.38
CA CYS A 99 8.97 -2.16 -0.25
C CYS A 99 9.04 -1.37 1.05
N GLY A 100 8.73 -0.07 1.03
CA GLY A 100 8.66 0.78 2.24
C GLY A 100 9.95 0.72 3.03
N TRP A 101 9.87 0.43 4.32
CA TRP A 101 11.03 0.39 5.26
C TRP A 101 11.56 -1.06 5.41
N GLY A 102 11.06 -2.00 4.61
CA GLY A 102 11.64 -3.36 4.48
C GLY A 102 10.97 -4.39 5.38
N THR A 103 9.90 -4.03 6.08
CA THR A 103 9.22 -4.92 7.08
C THR A 103 8.67 -6.18 6.42
N THR A 104 7.99 -6.03 5.28
CA THR A 104 7.40 -7.16 4.52
C THR A 104 8.50 -8.10 4.04
N MET A 105 9.57 -7.56 3.46
CA MET A 105 10.66 -8.39 2.89
C MET A 105 11.35 -9.18 4.01
N ARG A 106 11.63 -8.51 5.14
CA ARG A 106 12.29 -9.18 6.29
C ARG A 106 11.39 -10.32 6.79
N ARG A 107 10.10 -10.08 6.96
CA ARG A 107 9.15 -11.09 7.49
C ARG A 107 9.11 -12.28 6.52
N ALA A 108 9.17 -12.03 5.22
CA ALA A 108 9.16 -13.07 4.17
C ALA A 108 10.41 -13.94 4.29
N VAL A 109 11.59 -13.33 4.41
CA VAL A 109 12.87 -14.09 4.54
C VAL A 109 12.77 -14.97 5.79
N GLU A 110 12.40 -14.38 6.93
CA GLU A 110 12.38 -15.05 8.26
C GLU A 110 11.37 -16.20 8.28
N ARG A 111 10.16 -15.98 7.78
CA ARG A 111 9.03 -16.95 7.90
C ARG A 111 9.11 -18.02 6.81
N PHE A 112 9.55 -17.68 5.59
CA PHE A 112 9.39 -18.53 4.38
C PHE A 112 10.73 -18.94 3.77
N ASP A 113 11.85 -18.38 4.24
CA ASP A 113 13.22 -18.75 3.79
C ASP A 113 13.33 -18.51 2.28
N VAL A 114 12.89 -17.33 1.82
CA VAL A 114 12.87 -16.95 0.38
C VAL A 114 13.92 -15.86 0.14
N ASN A 115 14.36 -15.73 -1.12
CA ASN A 115 15.10 -14.56 -1.62
C ASN A 115 14.09 -13.42 -1.79
N VAL A 116 14.53 -12.17 -1.70
CA VAL A 116 13.63 -10.99 -1.83
C VAL A 116 14.30 -9.95 -2.71
N ILE A 117 13.48 -9.28 -3.50
CA ILE A 117 13.83 -8.06 -4.28
C ILE A 117 12.78 -7.01 -3.92
N GLY A 118 13.21 -5.83 -3.45
CA GLY A 118 12.34 -4.68 -3.18
C GLY A 118 12.55 -3.58 -4.21
N LEU A 119 11.45 -2.95 -4.63
CA LEU A 119 11.47 -1.71 -5.46
C LEU A 119 10.93 -0.56 -4.61
N THR A 120 11.67 0.54 -4.54
CA THR A 120 11.25 1.80 -3.89
C THR A 120 11.78 2.98 -4.72
N LEU A 121 11.11 4.12 -4.65
CA LEU A 121 11.57 5.38 -5.30
C LEU A 121 12.09 6.35 -4.24
N SER A 122 12.09 5.97 -2.96
CA SER A 122 12.63 6.80 -1.83
C SER A 122 14.08 6.39 -1.50
N LYS A 123 15.02 7.33 -1.60
CA LYS A 123 16.46 7.13 -1.25
C LYS A 123 16.57 6.74 0.22
N ASN A 124 15.76 7.35 1.09
CA ASN A 124 15.78 7.09 2.55
C ASN A 124 15.30 5.67 2.82
N GLN A 125 14.20 5.24 2.18
CA GLN A 125 13.66 3.86 2.31
C GLN A 125 14.68 2.88 1.74
N HIS A 126 15.30 3.19 0.60
CA HIS A 126 16.33 2.31 -0.04
C HIS A 126 17.44 2.00 0.96
N ALA A 127 18.01 3.03 1.61
CA ALA A 127 19.13 2.91 2.57
C ALA A 127 18.70 2.07 3.78
N ARG A 128 17.52 2.34 4.31
CA ARG A 128 16.99 1.61 5.49
C ARG A 128 16.79 0.13 5.14
N CYS A 129 16.19 -0.16 3.98
CA CYS A 129 15.92 -1.55 3.51
C CYS A 129 17.23 -2.33 3.38
N GLU A 130 18.27 -1.72 2.80
CA GLU A 130 19.58 -2.39 2.62
C GLU A 130 20.11 -2.81 3.99
N GLN A 131 19.98 -1.94 4.99
CA GLN A 131 20.46 -2.22 6.36
C GLN A 131 19.56 -3.27 7.03
N VAL A 132 18.24 -3.14 6.89
CA VAL A 132 17.27 -4.13 7.45
C VAL A 132 17.63 -5.51 6.89
N LEU A 133 17.86 -5.63 5.58
CA LEU A 133 18.05 -6.96 4.94
C LEU A 133 19.45 -7.51 5.28
N ALA A 134 20.47 -6.64 5.31
CA ALA A 134 21.86 -7.04 5.68
C ALA A 134 21.86 -7.57 7.12
N SER A 135 21.01 -7.03 7.99
CA SER A 135 20.90 -7.41 9.42
C SER A 135 20.41 -8.86 9.57
N ILE A 136 19.69 -9.39 8.58
CA ILE A 136 19.03 -10.73 8.70
C ILE A 136 20.10 -11.82 8.66
N ASP A 137 19.99 -12.79 9.56
CA ASP A 137 20.86 -13.99 9.63
C ASP A 137 20.36 -15.02 8.60
N THR A 138 20.91 -14.97 7.38
CA THR A 138 20.42 -15.76 6.21
C THR A 138 21.50 -15.82 5.13
N ASN A 139 21.45 -16.84 4.27
CA ASN A 139 22.26 -16.97 3.04
C ASN A 139 21.41 -16.62 1.81
N ARG A 140 20.10 -16.37 1.99
CA ARG A 140 19.20 -15.98 0.87
C ARG A 140 19.62 -14.62 0.31
N SER A 141 19.42 -14.46 -1.00
CA SER A 141 19.66 -13.21 -1.76
C SER A 141 18.68 -12.13 -1.28
N ARG A 142 19.19 -10.94 -0.97
CA ARG A 142 18.38 -9.76 -0.60
C ARG A 142 18.85 -8.58 -1.44
N GLN A 143 17.95 -7.96 -2.21
N GLN A 143 17.95 -8.00 -2.24
CA GLN A 143 18.28 -6.84 -3.12
CA GLN A 143 18.23 -6.86 -3.15
C GLN A 143 17.19 -5.77 -3.02
C GLN A 143 17.19 -5.77 -2.89
N VAL A 144 17.62 -4.50 -2.97
CA VAL A 144 16.69 -3.33 -2.97
C VAL A 144 17.12 -2.44 -4.13
N LEU A 145 16.18 -2.07 -4.98
CA LEU A 145 16.44 -1.28 -6.21
C LEU A 145 15.67 0.04 -6.11
N LEU A 146 16.36 1.16 -6.34
CA LEU A 146 15.74 2.50 -6.45
C LEU A 146 15.18 2.64 -7.87
N GLN A 147 14.01 2.06 -8.12
CA GLN A 147 13.36 2.12 -9.45
C GLN A 147 11.89 1.74 -9.34
N GLY A 148 11.11 2.03 -10.39
CA GLY A 148 9.72 1.59 -10.55
C GLY A 148 9.65 0.21 -11.17
N TRP A 149 8.48 -0.41 -11.15
CA TRP A 149 8.20 -1.73 -11.77
C TRP A 149 8.36 -1.63 -13.29
N GLU A 150 8.17 -0.44 -13.87
CA GLU A 150 8.26 -0.21 -15.34
C GLU A 150 9.66 -0.64 -15.84
N ASP A 151 10.69 -0.45 -15.01
CA ASP A 151 12.11 -0.72 -15.35
C ASP A 151 12.56 -2.08 -14.77
N PHE A 152 11.63 -2.90 -14.26
CA PHE A 152 11.95 -4.20 -13.65
C PHE A 152 11.46 -5.33 -14.54
N ALA A 153 12.38 -6.21 -14.96
CA ALA A 153 12.11 -7.31 -15.90
C ALA A 153 12.95 -8.54 -15.54
N GLU A 154 13.08 -8.86 -14.24
CA GLU A 154 13.81 -10.09 -13.81
C GLU A 154 12.76 -11.13 -13.44
N PRO A 155 12.99 -12.42 -13.75
CA PRO A 155 12.11 -13.49 -13.28
C PRO A 155 11.99 -13.52 -11.76
N VAL A 156 10.76 -13.61 -11.24
CA VAL A 156 10.48 -13.77 -9.78
C VAL A 156 9.35 -14.81 -9.63
N ASP A 157 9.17 -15.36 -8.43
CA ASP A 157 8.20 -16.45 -8.19
C ASP A 157 6.84 -15.87 -7.80
N ARG A 158 6.86 -14.84 -6.95
CA ARG A 158 5.64 -14.28 -6.30
C ARG A 158 5.80 -12.77 -6.17
N ILE A 159 4.70 -12.03 -6.09
CA ILE A 159 4.76 -10.54 -6.00
C ILE A 159 3.83 -10.08 -4.88
N VAL A 160 4.28 -9.13 -4.08
CA VAL A 160 3.42 -8.44 -3.10
C VAL A 160 3.53 -6.93 -3.34
N SER A 161 2.42 -6.20 -3.25
CA SER A 161 2.41 -4.73 -3.38
C SER A 161 1.38 -4.15 -2.42
N ILE A 162 1.84 -3.49 -1.35
CA ILE A 162 0.96 -3.01 -0.25
C ILE A 162 0.86 -1.49 -0.31
N GLU A 163 -0.27 -0.98 -0.77
CA GLU A 163 -0.62 0.47 -0.84
C GLU A 163 0.57 1.26 -1.40
N ALA A 164 1.10 0.82 -2.55
CA ALA A 164 2.28 1.42 -3.19
C ALA A 164 1.81 2.53 -4.14
N PHE A 165 1.60 3.74 -3.60
CA PHE A 165 1.11 4.92 -4.36
C PHE A 165 2.12 5.26 -5.47
N GLU A 166 3.42 5.20 -5.15
CA GLU A 166 4.53 5.54 -6.09
C GLU A 166 4.51 4.59 -7.30
N HIS A 167 3.97 3.36 -7.14
CA HIS A 167 3.96 2.28 -8.17
C HIS A 167 2.54 2.03 -8.73
N PHE A 168 1.53 1.97 -7.87
CA PHE A 168 0.13 1.59 -8.24
C PHE A 168 -0.79 2.82 -8.21
N GLY A 169 -0.23 4.04 -8.21
CA GLY A 169 -0.97 5.30 -8.05
C GLY A 169 -0.91 6.22 -9.27
N HIS A 170 -0.51 5.70 -10.45
CA HIS A 170 -0.39 6.51 -11.69
C HIS A 170 -0.85 5.71 -12.93
N GLU A 171 -1.95 4.94 -12.80
CA GLU A 171 -2.66 4.28 -13.94
C GLU A 171 -1.75 3.23 -14.61
N ASN A 172 -1.68 3.22 -15.95
CA ASN A 172 -1.04 2.17 -16.81
C ASN A 172 -1.22 0.80 -16.14
N TYR A 173 -2.47 0.49 -15.82
CA TYR A 173 -2.87 -0.78 -15.17
C TYR A 173 -2.59 -1.95 -16.12
N ASP A 174 -2.87 -1.78 -17.42
CA ASP A 174 -2.65 -2.86 -18.42
C ASP A 174 -1.16 -3.23 -18.44
N ASP A 175 -0.26 -2.25 -18.49
CA ASP A 175 1.21 -2.50 -18.49
C ASP A 175 1.63 -3.16 -17.16
N PHE A 176 1.05 -2.75 -16.04
CA PHE A 176 1.41 -3.26 -14.70
C PHE A 176 1.09 -4.75 -14.63
N PHE A 177 -0.15 -5.14 -14.95
CA PHE A 177 -0.62 -6.53 -14.80
C PHE A 177 0.10 -7.42 -15.82
N LYS A 178 0.39 -6.89 -17.00
CA LYS A 178 1.10 -7.64 -18.07
C LYS A 178 2.52 -7.94 -17.59
N ARG A 179 3.20 -6.93 -17.03
CA ARG A 179 4.57 -7.08 -16.49
C ARG A 179 4.57 -8.15 -15.40
N CYS A 180 3.66 -8.03 -14.42
CA CYS A 180 3.55 -8.98 -13.29
C CYS A 180 3.28 -10.39 -13.81
N PHE A 181 2.38 -10.54 -14.77
CA PHE A 181 2.03 -11.86 -15.35
C PHE A 181 3.28 -12.47 -15.99
N ASN A 182 4.03 -11.67 -16.77
CA ASN A 182 5.12 -12.16 -17.64
C ASN A 182 6.38 -12.52 -16.83
N ILE A 183 6.62 -11.93 -15.67
CA ILE A 183 7.89 -12.15 -14.90
C ILE A 183 7.73 -13.32 -13.94
N MET A 184 6.52 -13.85 -13.79
CA MET A 184 6.25 -14.97 -12.86
C MET A 184 6.18 -16.29 -13.63
N PRO A 185 6.44 -17.41 -12.93
CA PRO A 185 6.39 -18.73 -13.57
C PRO A 185 4.93 -19.16 -13.70
N ALA A 186 4.69 -20.38 -14.16
CA ALA A 186 3.35 -20.95 -14.38
C ALA A 186 2.51 -20.93 -13.09
N ASP A 187 3.10 -21.13 -11.91
CA ASP A 187 2.35 -21.19 -10.62
C ASP A 187 2.36 -19.84 -9.89
N GLY A 188 2.69 -18.75 -10.58
CA GLY A 188 2.83 -17.40 -9.99
C GLY A 188 1.57 -16.93 -9.31
N ARG A 189 1.72 -16.15 -8.24
CA ARG A 189 0.63 -15.44 -7.54
C ARG A 189 1.11 -14.05 -7.12
N MET A 190 0.16 -13.13 -7.01
CA MET A 190 0.43 -11.74 -6.58
C MET A 190 -0.71 -11.28 -5.69
N THR A 191 -0.38 -10.52 -4.64
CA THR A 191 -1.37 -9.72 -3.88
C THR A 191 -1.09 -8.24 -4.12
N VAL A 192 -2.16 -7.49 -4.30
CA VAL A 192 -2.12 -6.00 -4.32
C VAL A 192 -3.15 -5.55 -3.30
N GLN A 193 -2.69 -4.80 -2.30
CA GLN A 193 -3.56 -4.12 -1.32
C GLN A 193 -3.61 -2.65 -1.72
N SER A 194 -4.80 -2.09 -1.88
CA SER A 194 -4.97 -0.67 -2.29
C SER A 194 -6.26 -0.12 -1.69
N SER A 195 -6.19 1.13 -1.25
CA SER A 195 -7.36 2.01 -1.07
C SER A 195 -8.05 2.14 -2.43
N VAL A 196 -9.39 2.20 -2.42
CA VAL A 196 -10.21 2.27 -3.64
C VAL A 196 -11.36 3.26 -3.41
N SER A 197 -11.87 3.82 -4.50
CA SER A 197 -13.13 4.58 -4.55
C SER A 197 -14.10 3.76 -5.40
N TYR A 198 -15.30 4.29 -5.65
CA TYR A 198 -16.29 3.65 -6.54
C TYR A 198 -16.41 4.50 -7.80
N HIS A 199 -16.78 3.89 -8.93
CA HIS A 199 -17.18 4.62 -10.15
C HIS A 199 -18.21 5.68 -9.75
N PRO A 200 -18.23 6.89 -10.38
CA PRO A 200 -19.26 7.90 -10.09
C PRO A 200 -20.70 7.36 -10.10
N TYR A 201 -21.00 6.41 -10.98
CA TYR A 201 -22.36 5.80 -11.14
C TYR A 201 -22.77 5.13 -9.82
N GLU A 202 -21.88 4.32 -9.24
CA GLU A 202 -22.08 3.60 -7.96
C GLU A 202 -22.18 4.60 -6.80
N MET A 203 -21.36 5.66 -6.83
CA MET A 203 -21.37 6.74 -5.81
C MET A 203 -22.72 7.47 -5.82
N ALA A 204 -23.26 7.77 -7.01
CA ALA A 204 -24.58 8.45 -7.17
C ALA A 204 -25.69 7.60 -6.51
N ALA A 205 -25.61 6.28 -6.60
CA ALA A 205 -26.63 5.33 -6.07
C ALA A 205 -26.80 5.52 -4.56
N ARG A 206 -25.70 5.82 -3.86
N ARG A 206 -25.71 5.79 -3.82
CA ARG A 206 -25.62 6.01 -2.37
CA ARG A 206 -25.72 6.00 -2.34
C ARG A 206 -25.66 7.51 -2.03
C ARG A 206 -25.67 7.49 -2.03
N GLY A 207 -26.64 8.25 -2.55
CA GLY A 207 -26.82 9.70 -2.27
C GLY A 207 -25.95 10.62 -3.13
N LYS A 208 -26.58 11.53 -3.88
CA LYS A 208 -25.92 12.59 -4.71
C LYS A 208 -25.19 13.61 -3.83
N LYS A 209 -25.78 14.01 -2.70
CA LYS A 209 -25.12 14.91 -1.72
C LYS A 209 -23.77 14.25 -1.34
N LEU A 210 -23.84 13.01 -0.86
CA LEU A 210 -22.63 12.32 -0.35
C LEU A 210 -21.69 12.03 -1.51
N SER A 211 -22.21 11.78 -2.72
CA SER A 211 -21.42 11.49 -3.94
C SER A 211 -20.48 12.67 -4.26
N PHE A 212 -20.99 13.90 -4.26
CA PHE A 212 -20.19 15.11 -4.60
C PHE A 212 -19.10 15.29 -3.49
N GLU A 213 -19.61 15.19 -2.21
CA GLU A 213 -18.81 15.47 -0.99
C GLU A 213 -17.59 14.56 -1.01
N THR A 214 -17.79 13.28 -1.29
CA THR A 214 -16.73 12.25 -1.41
C THR A 214 -15.79 12.63 -2.56
N ALA A 215 -16.33 13.03 -3.72
CA ALA A 215 -15.52 13.34 -4.93
C ALA A 215 -14.58 14.52 -4.61
N ARG A 216 -15.07 15.49 -3.84
CA ARG A 216 -14.26 16.67 -3.46
C ARG A 216 -13.16 16.24 -2.46
N PHE A 217 -13.46 15.30 -1.56
CA PHE A 217 -12.49 14.80 -0.57
C PHE A 217 -11.40 13.97 -1.27
N ILE A 218 -11.78 13.16 -2.27
CA ILE A 218 -10.80 12.37 -3.07
C ILE A 218 -9.87 13.36 -3.77
N LYS A 219 -10.41 14.44 -4.33
CA LYS A 219 -9.63 15.47 -5.05
C LYS A 219 -8.57 16.08 -4.11
N PHE A 220 -8.93 16.31 -2.84
CA PHE A 220 -8.01 16.81 -1.78
C PHE A 220 -6.89 15.78 -1.55
N ILE A 221 -7.23 14.50 -1.35
CA ILE A 221 -6.24 13.41 -1.12
C ILE A 221 -5.19 13.42 -2.24
N VAL A 222 -5.65 13.52 -3.48
CA VAL A 222 -4.86 13.33 -4.73
C VAL A 222 -4.20 14.65 -5.14
N THR A 223 -4.43 15.74 -4.40
CA THR A 223 -3.81 17.07 -4.62
C THR A 223 -2.75 17.34 -3.55
N GLU A 224 -3.07 17.05 -2.27
CA GLU A 224 -2.32 17.56 -1.10
C GLU A 224 -1.66 16.43 -0.30
N ILE A 225 -2.12 15.18 -0.40
CA ILE A 225 -1.61 14.05 0.43
C ILE A 225 -0.77 13.13 -0.45
N PHE A 226 -1.32 12.70 -1.59
CA PHE A 226 -0.62 11.90 -2.62
C PHE A 226 -0.71 12.65 -3.95
N PRO A 227 0.05 13.74 -4.13
CA PRO A 227 -0.09 14.60 -5.30
C PRO A 227 0.06 13.83 -6.62
N GLY A 228 -0.84 14.11 -7.58
CA GLY A 228 -0.89 13.46 -8.91
C GLY A 228 -1.41 12.03 -8.85
N GLY A 229 -1.72 11.52 -7.65
CA GLY A 229 -2.24 10.16 -7.45
C GLY A 229 -3.57 9.93 -8.15
N ARG A 230 -3.94 8.68 -8.36
CA ARG A 230 -5.26 8.28 -8.91
C ARG A 230 -5.74 7.08 -8.09
N LEU A 231 -6.83 7.24 -7.35
CA LEU A 231 -7.45 6.16 -6.52
C LEU A 231 -8.18 5.20 -7.45
N PRO A 232 -7.75 3.92 -7.59
CA PRO A 232 -8.47 2.98 -8.45
C PRO A 232 -9.80 2.55 -7.79
N SER A 233 -10.64 1.82 -8.53
CA SER A 233 -11.80 1.08 -7.98
C SER A 233 -11.42 -0.40 -7.88
N THR A 234 -12.09 -1.15 -7.00
CA THR A 234 -11.93 -2.62 -6.91
C THR A 234 -12.20 -3.22 -8.30
N GLU A 235 -13.25 -2.76 -8.98
CA GLU A 235 -13.63 -3.29 -10.32
C GLU A 235 -12.46 -3.16 -11.30
N MET A 236 -11.76 -2.01 -11.30
CA MET A 236 -10.56 -1.80 -12.15
C MET A 236 -9.46 -2.78 -11.78
N MET A 237 -9.16 -2.91 -10.48
CA MET A 237 -8.09 -3.82 -9.97
C MET A 237 -8.38 -5.24 -10.46
N VAL A 238 -9.64 -5.67 -10.38
CA VAL A 238 -10.07 -7.04 -10.79
C VAL A 238 -9.98 -7.18 -12.32
N GLU A 239 -10.62 -6.27 -13.06
CA GLU A 239 -10.81 -6.42 -14.53
C GLU A 239 -9.47 -6.30 -15.26
N HIS A 240 -8.58 -5.41 -14.84
CA HIS A 240 -7.23 -5.26 -15.45
C HIS A 240 -6.40 -6.53 -15.20
N GLY A 241 -6.52 -7.15 -14.02
CA GLY A 241 -5.86 -8.43 -13.71
C GLY A 241 -6.38 -9.54 -14.63
N GLU A 242 -7.70 -9.64 -14.79
CA GLU A 242 -8.33 -10.68 -15.64
C GLU A 242 -7.88 -10.52 -17.10
N LYS A 243 -7.84 -9.28 -17.60
CA LYS A 243 -7.43 -8.98 -19.01
C LYS A 243 -6.00 -9.50 -19.23
N ALA A 244 -5.12 -9.44 -18.22
CA ALA A 244 -3.72 -9.89 -18.29
C ALA A 244 -3.61 -11.42 -18.25
N GLY A 245 -4.67 -12.12 -17.83
CA GLY A 245 -4.78 -13.58 -17.82
C GLY A 245 -4.91 -14.16 -16.43
N PHE A 246 -4.94 -13.34 -15.38
CA PHE A 246 -5.00 -13.83 -13.97
C PHE A 246 -6.43 -14.30 -13.65
N THR A 247 -6.51 -15.35 -12.83
CA THR A 247 -7.71 -15.73 -12.02
C THR A 247 -7.78 -14.78 -10.82
N VAL A 248 -8.94 -14.18 -10.57
CA VAL A 248 -9.10 -13.18 -9.48
C VAL A 248 -10.29 -13.63 -8.63
N PRO A 249 -10.04 -14.26 -7.46
CA PRO A 249 -11.09 -14.62 -6.52
C PRO A 249 -11.69 -13.35 -5.91
N GLU A 250 -12.71 -13.51 -5.06
CA GLU A 250 -13.39 -12.35 -4.42
C GLU A 250 -12.37 -11.53 -3.64
N PRO A 251 -12.19 -10.23 -3.93
CA PRO A 251 -11.30 -9.39 -3.13
C PRO A 251 -11.71 -9.31 -1.66
N LEU A 252 -10.73 -9.23 -0.75
CA LEU A 252 -11.00 -9.03 0.70
C LEU A 252 -11.12 -7.53 0.97
N SER A 253 -12.25 -7.11 1.56
CA SER A 253 -12.44 -5.72 2.06
C SER A 253 -11.75 -5.59 3.41
N LEU A 254 -10.91 -4.57 3.59
CA LEU A 254 -10.21 -4.25 4.87
C LEU A 254 -10.85 -3.03 5.53
N ARG A 255 -12.01 -2.57 5.02
CA ARG A 255 -12.67 -1.31 5.48
C ARG A 255 -12.68 -1.18 7.00
N PRO A 256 -13.24 -2.15 7.77
CA PRO A 256 -13.30 -2.00 9.23
C PRO A 256 -11.93 -1.88 9.90
N HIS A 257 -10.90 -2.52 9.35
CA HIS A 257 -9.51 -2.45 9.84
C HIS A 257 -8.93 -1.07 9.54
N TYR A 258 -9.27 -0.45 8.40
CA TYR A 258 -8.71 0.88 8.03
C TYR A 258 -9.32 1.95 8.94
N ILE A 259 -10.60 1.82 9.28
CA ILE A 259 -11.31 2.72 10.24
C ILE A 259 -10.53 2.72 11.56
N LYS A 260 -10.25 1.54 12.11
CA LYS A 260 -9.46 1.34 13.35
C LYS A 260 -8.06 1.97 13.18
N THR A 261 -7.38 1.69 12.06
CA THR A 261 -6.01 2.19 11.78
C THR A 261 -6.04 3.73 11.80
N LEU A 262 -6.96 4.34 11.07
CA LEU A 262 -7.04 5.81 10.85
C LEU A 262 -7.40 6.51 12.16
N ARG A 263 -8.19 5.85 13.01
CA ARG A 263 -8.60 6.36 14.36
C ARG A 263 -7.34 6.47 15.23
N ILE A 264 -6.49 5.42 15.24
CA ILE A 264 -5.23 5.38 16.04
C ILE A 264 -4.24 6.40 15.47
N TRP A 265 -4.08 6.48 14.14
CA TRP A 265 -3.19 7.47 13.49
C TRP A 265 -3.61 8.89 13.88
N GLY A 266 -4.89 9.23 13.68
CA GLY A 266 -5.49 10.52 14.07
C GLY A 266 -5.27 10.85 15.54
N ASP A 267 -5.59 9.89 16.42
CA ASP A 267 -5.47 10.06 17.90
C ASP A 267 -4.00 10.28 18.27
N THR A 268 -3.08 9.57 17.61
CA THR A 268 -1.62 9.66 17.89
C THR A 268 -1.08 11.01 17.37
N LEU A 269 -1.43 11.41 16.14
CA LEU A 269 -0.98 12.71 15.57
C LEU A 269 -1.46 13.83 16.50
N GLN A 270 -2.72 13.80 16.93
CA GLN A 270 -3.33 14.82 17.81
C GLN A 270 -2.57 14.88 19.14
N SER A 271 -2.21 13.73 19.71
CA SER A 271 -1.45 13.63 21.00
C SER A 271 -0.05 14.23 20.85
N ASN A 272 0.47 14.36 19.61
CA ASN A 272 1.85 14.86 19.32
C ASN A 272 1.81 16.21 18.58
N LYS A 273 0.70 16.95 18.71
CA LYS A 273 0.42 18.18 17.93
C LYS A 273 1.61 19.14 18.00
N ASP A 274 2.06 19.47 19.20
CA ASP A 274 3.18 20.43 19.45
C ASP A 274 4.41 19.95 18.70
N LYS A 275 4.78 18.66 18.88
CA LYS A 275 5.99 18.06 18.25
C LYS A 275 5.84 18.06 16.73
N ALA A 276 4.64 17.75 16.22
CA ALA A 276 4.34 17.67 14.76
C ALA A 276 4.46 19.05 14.12
N ILE A 277 3.92 20.09 14.78
CA ILE A 277 3.96 21.49 14.29
C ILE A 277 5.42 21.96 14.23
N GLU A 278 6.20 21.68 15.29
CA GLU A 278 7.63 22.08 15.38
C GLU A 278 8.40 21.47 14.20
N VAL A 279 8.16 20.19 13.88
CA VAL A 279 8.89 19.45 12.82
C VAL A 279 8.48 19.96 11.44
N THR A 280 7.25 20.47 11.26
CA THR A 280 6.71 20.95 9.95
C THR A 280 6.10 22.35 10.13
N SER A 281 4.78 22.42 10.31
CA SER A 281 3.99 23.68 10.45
C SER A 281 2.56 23.33 10.87
N GLU A 282 1.79 24.33 11.33
CA GLU A 282 0.37 24.16 11.73
C GLU A 282 -0.46 23.79 10.49
N GLU A 283 -0.10 24.37 9.32
CA GLU A 283 -0.69 24.02 8.00
C GLU A 283 -0.61 22.50 7.80
N VAL A 284 0.60 21.93 7.84
CA VAL A 284 0.83 20.47 7.56
C VAL A 284 0.06 19.64 8.61
N TYR A 285 0.11 20.02 9.89
CA TYR A 285 -0.64 19.32 10.98
C TYR A 285 -2.13 19.28 10.64
N ASN A 286 -2.71 20.43 10.31
CA ASN A 286 -4.17 20.55 9.98
C ASN A 286 -4.51 19.74 8.74
N ARG A 287 -3.62 19.76 7.73
CA ARG A 287 -3.76 18.96 6.48
C ARG A 287 -3.89 17.47 6.82
N TYR A 288 -3.04 16.94 7.70
CA TYR A 288 -2.98 15.47 7.99
C TYR A 288 -4.11 15.11 8.97
N MET A 289 -4.53 16.01 9.85
CA MET A 289 -5.72 15.75 10.71
C MET A 289 -6.98 15.66 9.84
N LYS A 290 -7.11 16.55 8.84
CA LYS A 290 -8.21 16.55 7.84
C LYS A 290 -8.20 15.22 7.07
N TYR A 291 -7.03 14.81 6.61
CA TYR A 291 -6.83 13.55 5.85
C TYR A 291 -7.26 12.35 6.70
N LEU A 292 -6.70 12.23 7.90
CA LEU A 292 -6.91 11.06 8.80
C LEU A 292 -8.37 11.02 9.28
N ARG A 293 -8.88 12.10 9.88
CA ARG A 293 -10.30 12.20 10.33
C ARG A 293 -11.23 12.00 9.12
N GLY A 294 -10.94 12.67 8.00
CA GLY A 294 -11.74 12.58 6.76
C GLY A 294 -11.83 11.16 6.24
N CYS A 295 -10.70 10.46 6.08
CA CYS A 295 -10.70 9.07 5.57
C CYS A 295 -11.52 8.19 6.52
N GLU A 296 -11.38 8.36 7.84
CA GLU A 296 -12.13 7.53 8.82
C GLU A 296 -13.63 7.71 8.57
N HIS A 297 -14.06 8.94 8.28
CA HIS A 297 -15.47 9.32 8.05
C HIS A 297 -16.01 8.61 6.79
N TYR A 298 -15.33 8.77 5.65
CA TYR A 298 -15.80 8.30 4.32
C TYR A 298 -15.68 6.77 4.23
N PHE A 299 -14.73 6.17 4.94
CA PHE A 299 -14.66 4.70 5.15
C PHE A 299 -15.88 4.24 5.96
N THR A 300 -16.23 4.95 7.04
CA THR A 300 -17.37 4.60 7.93
C THR A 300 -18.68 4.70 7.15
N ASP A 301 -18.80 5.70 6.27
CA ASP A 301 -19.98 5.95 5.41
C ASP A 301 -19.93 5.08 4.14
N GLU A 302 -18.91 4.22 4.01
CA GLU A 302 -18.80 3.20 2.93
C GLU A 302 -18.78 3.89 1.56
N MET A 303 -18.10 5.04 1.45
CA MET A 303 -17.83 5.76 0.18
C MET A 303 -16.38 5.52 -0.27
N LEU A 304 -15.53 5.01 0.63
CA LEU A 304 -14.17 4.49 0.31
C LEU A 304 -14.07 3.05 0.81
N ASP A 305 -13.14 2.29 0.25
CA ASP A 305 -12.89 0.89 0.67
C ASP A 305 -11.38 0.67 0.58
N CYS A 306 -10.94 -0.46 1.08
CA CYS A 306 -9.54 -0.94 0.95
C CYS A 306 -9.62 -2.41 0.55
N SER A 307 -9.06 -2.74 -0.63
CA SER A 307 -9.19 -4.09 -1.24
C SER A 307 -7.84 -4.80 -1.20
N LEU A 308 -7.81 -6.02 -0.69
CA LEU A 308 -6.66 -6.94 -0.84
C LEU A 308 -7.06 -7.94 -1.93
N VAL A 309 -6.51 -7.76 -3.13
CA VAL A 309 -6.86 -8.55 -4.34
C VAL A 309 -5.75 -9.56 -4.58
N THR A 310 -6.15 -10.81 -4.79
CA THR A 310 -5.25 -11.94 -5.12
C THR A 310 -5.35 -12.22 -6.62
N TYR A 311 -4.21 -12.34 -7.29
CA TYR A 311 -4.08 -12.62 -8.73
C TYR A 311 -3.37 -13.96 -8.87
N LEU A 312 -4.07 -14.94 -9.46
CA LEU A 312 -3.55 -16.32 -9.61
C LEU A 312 -3.27 -16.59 -11.09
N LYS A 313 -2.05 -17.02 -11.43
CA LYS A 313 -1.74 -17.47 -12.80
C LYS A 313 -2.45 -18.80 -13.03
N PRO A 314 -2.76 -19.16 -14.29
CA PRO A 314 -3.51 -20.38 -14.59
C PRO A 314 -2.96 -21.66 -13.94
N GLY A 315 -1.64 -21.75 -13.76
CA GLY A 315 -0.95 -22.92 -13.18
C GLY A 315 -0.76 -22.82 -11.69
N ALA A 316 -1.32 -21.81 -11.01
CA ALA A 316 -1.19 -21.64 -9.54
C ALA A 316 -1.73 -22.88 -8.82
N ALA A 317 -1.02 -23.36 -7.79
CA ALA A 317 -1.46 -24.49 -6.93
C ALA A 317 -2.88 -24.23 -6.44
N ALA A 318 -3.73 -25.26 -6.42
CA ALA A 318 -5.15 -25.19 -6.00
C ALA A 318 -5.24 -25.25 -4.47
#